data_4GUQ
#
_entry.id   4GUQ
#
_cell.length_a   172.498
_cell.length_b   172.498
_cell.length_c   34.093
_cell.angle_alpha   90.00
_cell.angle_beta   90.00
_cell.angle_gamma   120.00
#
_symmetry.space_group_name_H-M   'P 61'
#
loop_
_entity.id
_entity.type
_entity.pdbx_description
1 polymer "DNA (5'-D(P*GP*AP*AP*CP*AP*TP*GP*TP*TP*C)-3')"
2 polymer 'Tumor protein p73'
3 non-polymer 'ZINC ION'
#
loop_
_entity_poly.entity_id
_entity_poly.type
_entity_poly.pdbx_seq_one_letter_code
_entity_poly.pdbx_strand_id
1 'polydeoxyribonucleotide' (DG)(DA)(DA)(DC)(DA)(DT)(DG)(DT)(DT)(DC) E,F
2 'polypeptide(L)'
;MGHHHHHHHHEFIPSNTDYPGPHHFEVTFQQSSTAKFATWTYSPLLKKLYCQIAKTCPIQIKVSTPPPPGTAIRAMPVYK
KAEHVTDVVKRCPNHELGRDFNEGQSAPASHLIRVEGNNLSQYVDDPVTGRQSVVVPYEPPQVGTEFTTILYNFMCNSSC
VGGMNRRPILIIITLEMRDGQVLGRRSFEGRICACPGRDRKADEDHYREQ
;
A,B
#
loop_
_chem_comp.id
_chem_comp.type
_chem_comp.name
_chem_comp.formula
DA DNA linking 2'-DEOXYADENOSINE-5'-MONOPHOSPHATE 'C10 H14 N5 O6 P'
DC DNA linking 2'-DEOXYCYTIDINE-5'-MONOPHOSPHATE 'C9 H14 N3 O7 P'
DG DNA linking 2'-DEOXYGUANOSINE-5'-MONOPHOSPHATE 'C10 H14 N5 O7 P'
DT DNA linking THYMIDINE-5'-MONOPHOSPHATE 'C10 H15 N2 O8 P'
ZN non-polymer 'ZINC ION' 'Zn 2'
#
# COMPACT_ATOMS: atom_id res chain seq x y z
N GLU C 11 12.36 -18.36 -21.14
CA GLU C 11 12.57 -16.90 -21.33
C GLU C 11 11.73 -16.12 -20.34
N PHE C 12 10.55 -16.63 -20.02
CA PHE C 12 9.70 -15.86 -19.14
C PHE C 12 10.40 -15.74 -17.78
N ILE C 13 11.04 -16.80 -17.31
CA ILE C 13 11.86 -16.68 -16.13
C ILE C 13 13.27 -16.39 -16.60
N PRO C 14 13.80 -15.24 -16.22
CA PRO C 14 15.13 -14.86 -16.63
C PRO C 14 16.13 -15.45 -15.66
N SER C 15 17.35 -15.65 -16.14
CA SER C 15 18.33 -16.40 -15.40
C SER C 15 19.15 -15.51 -14.47
N ASN C 16 19.01 -15.70 -13.18
CA ASN C 16 19.73 -14.87 -12.23
C ASN C 16 21.21 -15.06 -12.43
N THR C 17 21.58 -16.20 -13.02
CA THR C 17 22.94 -16.71 -12.89
C THR C 17 23.95 -15.75 -13.49
N ASP C 18 24.94 -15.33 -12.73
CA ASP C 18 25.93 -14.44 -13.30
C ASP C 18 26.71 -15.08 -14.42
N TYR C 19 27.03 -14.28 -15.43
CA TYR C 19 27.83 -14.68 -16.57
C TYR C 19 28.44 -13.41 -17.12
N PRO C 20 29.65 -13.05 -16.64
CA PRO C 20 30.30 -11.89 -17.23
C PRO C 20 30.89 -12.27 -18.58
N GLY C 21 30.49 -11.50 -19.57
CA GLY C 21 30.85 -11.84 -20.93
C GLY C 21 32.32 -11.79 -21.33
N PRO C 22 32.58 -11.74 -22.62
CA PRO C 22 33.88 -11.62 -23.17
C PRO C 22 34.49 -10.35 -22.65
N HIS C 23 33.72 -9.27 -22.64
CA HIS C 23 34.15 -8.04 -22.06
C HIS C 23 34.04 -8.29 -20.60
N HIS C 24 34.94 -7.71 -19.82
CA HIS C 24 34.78 -7.83 -18.38
C HIS C 24 33.53 -7.08 -18.07
N PHE C 25 32.56 -7.77 -17.48
CA PHE C 25 31.34 -7.13 -17.08
C PHE C 25 31.43 -6.97 -15.59
N GLU C 26 31.54 -5.73 -15.14
CA GLU C 26 31.59 -5.46 -13.73
C GLU C 26 30.48 -4.49 -13.38
N VAL C 27 29.70 -4.83 -12.37
CA VAL C 27 28.74 -3.92 -11.83
C VAL C 27 29.18 -3.62 -10.43
N THR C 28 29.47 -2.34 -10.20
CA THR C 28 29.98 -1.88 -8.94
C THR C 28 29.20 -0.66 -8.53
N PHE C 29 28.91 -0.59 -7.24
CA PHE C 29 28.31 0.55 -6.59
C PHE C 29 29.46 1.29 -5.93
N GLN C 30 29.77 2.49 -6.43
CA GLN C 30 30.80 3.30 -5.83
C GLN C 30 30.29 3.42 -4.42
N GLN C 31 31.14 3.08 -3.46
CA GLN C 31 30.71 2.97 -2.08
C GLN C 31 30.13 4.30 -1.68
N SER C 32 29.02 4.24 -0.96
CA SER C 32 28.27 5.48 -0.63
C SER C 32 29.24 6.36 0.16
N SER C 33 28.82 7.58 0.44
CA SER C 33 29.57 8.43 1.33
C SER C 33 29.50 7.75 2.69
N THR C 34 30.60 7.73 3.41
CA THR C 34 30.59 7.11 4.70
C THR C 34 29.62 7.87 5.57
N ALA C 35 29.54 9.17 5.36
CA ALA C 35 28.69 10.00 6.23
C ALA C 35 27.31 9.42 6.55
N LYS C 36 26.89 9.62 7.79
CA LYS C 36 25.71 9.02 8.44
C LYS C 36 24.39 8.85 7.65
N PHE C 37 24.02 9.80 6.82
CA PHE C 37 22.73 9.74 6.16
C PHE C 37 22.80 8.83 4.90
N ALA C 38 22.93 7.49 4.97
CA ALA C 38 22.98 6.82 3.64
C ALA C 38 21.58 6.90 2.96
N THR C 39 21.53 6.83 1.63
CA THR C 39 20.27 6.65 0.89
C THR C 39 20.27 5.23 0.24
N TRP C 40 21.46 4.71 0.00
CA TRP C 40 21.51 3.40 -0.63
C TRP C 40 22.58 2.42 -0.20
N THR C 41 22.90 2.21 1.05
CA THR C 41 24.11 1.39 1.21
C THR C 41 24.00 0.03 0.52
N TYR C 42 25.11 -0.40 -0.08
CA TYR C 42 25.25 -1.75 -0.69
C TYR C 42 26.10 -2.76 0.14
N SER C 43 25.51 -3.95 0.39
CA SER C 43 26.18 -4.95 1.21
C SER C 43 27.09 -5.85 0.38
N PRO C 44 28.38 -5.48 0.31
CA PRO C 44 29.29 -6.31 -0.49
C PRO C 44 29.09 -7.78 -0.09
N LEU C 45 29.13 -8.02 1.20
CA LEU C 45 29.06 -9.38 1.69
C LEU C 45 27.76 -10.04 1.24
N LEU C 46 26.67 -9.29 1.27
CA LEU C 46 25.37 -9.84 0.92
C LEU C 46 25.00 -9.64 -0.54
N LYS C 47 25.89 -9.03 -1.31
CA LYS C 47 25.59 -8.73 -2.72
C LYS C 47 24.16 -8.29 -2.73
N LYS C 48 23.87 -7.32 -1.87
CA LYS C 48 22.52 -6.83 -1.67
C LYS C 48 22.63 -5.30 -1.62
N LEU C 49 21.60 -4.67 -2.18
CA LEU C 49 21.46 -3.24 -2.24
C LEU C 49 20.22 -2.71 -1.48
N TYR C 50 20.48 -1.93 -0.43
CA TYR C 50 19.43 -1.35 0.39
C TYR C 50 19.24 0.08 -0.04
N CYS C 51 18.15 0.41 -0.69
CA CYS C 51 17.97 1.78 -1.16
C CYS C 51 16.68 2.46 -0.71
N GLN C 52 16.74 3.77 -0.49
CA GLN C 52 15.55 4.55 -0.15
C GLN C 52 14.70 4.65 -1.40
N ILE C 53 13.41 4.95 -1.27
CA ILE C 53 12.53 4.88 -2.44
C ILE C 53 12.66 6.10 -3.35
N ALA C 54 12.75 5.85 -4.66
CA ALA C 54 12.64 6.91 -5.63
C ALA C 54 13.80 7.87 -5.38
N LYS C 55 14.75 7.44 -4.56
CA LYS C 55 15.92 8.24 -4.33
C LYS C 55 17.08 7.71 -5.14
N THR C 56 17.61 8.54 -6.02
CA THR C 56 18.54 8.05 -7.01
C THR C 56 19.73 7.38 -6.35
N CYS C 57 20.03 6.20 -6.87
CA CYS C 57 21.21 5.45 -6.50
C CYS C 57 21.87 5.12 -7.81
N PRO C 58 23.17 5.34 -7.87
CA PRO C 58 23.92 5.12 -9.08
C PRO C 58 24.74 3.84 -9.07
N ILE C 59 24.84 3.26 -10.24
CA ILE C 59 25.57 2.04 -10.40
C ILE C 59 26.63 2.18 -11.48
N GLN C 60 27.83 1.81 -11.11
CA GLN C 60 28.95 1.85 -12.02
C GLN C 60 29.03 0.55 -12.77
N ILE C 61 29.53 0.62 -14.00
CA ILE C 61 29.75 -0.54 -14.82
C ILE C 61 31.12 -0.47 -15.49
N LYS C 62 31.91 -1.50 -15.21
CA LYS C 62 33.28 -1.59 -15.68
C LYS C 62 33.37 -2.62 -16.79
N VAL C 63 34.00 -2.21 -17.89
CA VAL C 63 34.12 -3.05 -19.07
C VAL C 63 35.57 -3.19 -19.27
N SER C 64 36.07 -4.42 -19.19
CA SER C 64 37.48 -4.65 -19.51
C SER C 64 37.88 -4.26 -20.94
N THR C 65 37.07 -4.70 -21.90
CA THR C 65 37.28 -4.40 -23.30
C THR C 65 35.98 -3.90 -23.93
N PRO C 66 36.07 -2.94 -24.85
CA PRO C 66 34.86 -2.38 -25.48
C PRO C 66 34.03 -3.38 -26.31
N PRO C 67 32.71 -3.22 -26.26
CA PRO C 67 31.75 -4.05 -27.01
C PRO C 67 31.35 -3.45 -28.37
N PRO C 68 30.76 -4.35 -29.29
CA PRO C 68 30.32 -3.69 -30.54
C PRO C 68 29.21 -2.67 -30.26
N PRO C 69 29.18 -1.59 -31.03
CA PRO C 69 28.39 -0.43 -30.64
C PRO C 69 26.90 -0.82 -30.56
N GLY C 70 26.00 0.09 -30.20
CA GLY C 70 24.60 -0.31 -30.06
C GLY C 70 24.40 -1.28 -28.91
N THR C 71 25.51 -1.85 -28.42
CA THR C 71 25.50 -2.63 -27.22
C THR C 71 24.79 -1.78 -26.20
N ALA C 72 24.16 -2.45 -25.24
CA ALA C 72 23.37 -1.80 -24.22
C ALA C 72 23.21 -2.62 -22.93
N ILE C 73 22.64 -1.95 -21.94
CA ILE C 73 22.47 -2.50 -20.64
C ILE C 73 21.00 -2.52 -20.24
N ARG C 74 20.57 -3.68 -19.76
CA ARG C 74 19.21 -3.83 -19.33
C ARG C 74 19.15 -4.11 -17.84
N ALA C 75 18.51 -3.22 -17.12
CA ALA C 75 18.12 -3.44 -15.75
C ALA C 75 16.80 -4.18 -15.74
N MET C 76 16.66 -5.21 -14.91
CA MET C 76 15.36 -5.89 -14.76
C MET C 76 15.11 -6.44 -13.37
N PRO C 77 13.97 -6.12 -12.75
CA PRO C 77 13.69 -6.65 -11.43
C PRO C 77 12.96 -7.98 -11.52
N VAL C 78 13.18 -8.84 -10.52
CA VAL C 78 12.54 -10.13 -10.48
C VAL C 78 12.53 -10.60 -9.03
N TYR C 79 11.64 -11.53 -8.73
CA TYR C 79 11.54 -12.07 -7.38
C TYR C 79 12.64 -13.07 -7.09
N LYS C 80 13.23 -12.96 -5.90
CA LYS C 80 14.14 -14.00 -5.42
C LYS C 80 13.45 -15.32 -5.08
N LYS C 81 12.32 -15.22 -4.38
CA LYS C 81 11.47 -16.37 -4.02
C LYS C 81 10.98 -17.21 -5.21
N ALA C 82 11.49 -18.45 -5.35
CA ALA C 82 11.22 -19.27 -6.54
C ALA C 82 9.74 -19.20 -6.91
N GLU C 83 8.89 -19.47 -5.91
CA GLU C 83 7.44 -19.27 -6.00
C GLU C 83 7.03 -17.99 -6.75
N HIS C 84 7.67 -16.87 -6.47
CA HIS C 84 7.35 -15.58 -7.09
C HIS C 84 8.04 -15.25 -8.33
N VAL C 85 9.16 -15.88 -8.57
CA VAL C 85 9.84 -15.66 -9.80
C VAL C 85 8.78 -15.61 -10.89
N THR C 86 7.84 -16.54 -10.88
CA THR C 86 6.79 -16.54 -11.88
C THR C 86 6.02 -15.23 -11.97
N ASP C 87 5.85 -14.55 -10.85
CA ASP C 87 5.20 -13.24 -10.81
C ASP C 87 6.05 -12.16 -11.46
N VAL C 88 5.41 -11.22 -12.14
CA VAL C 88 6.13 -10.11 -12.73
C VAL C 88 6.32 -8.94 -11.75
N VAL C 89 7.50 -8.33 -11.77
CA VAL C 89 7.79 -7.22 -10.88
C VAL C 89 7.19 -5.97 -11.51
N LYS C 90 6.35 -5.32 -10.72
CA LYS C 90 5.68 -4.13 -11.16
C LYS C 90 5.41 -3.25 -9.97
N ARG C 91 5.19 -1.97 -10.22
CA ARG C 91 4.87 -1.06 -9.14
C ARG C 91 3.57 -1.46 -8.46
N CYS C 92 3.47 -1.09 -7.19
CA CYS C 92 2.30 -1.34 -6.43
C CYS C 92 1.26 -0.34 -6.97
N PRO C 93 0.06 -0.81 -7.34
CA PRO C 93 -0.92 0.12 -7.92
C PRO C 93 -0.90 1.45 -7.16
N ASN C 94 -0.90 1.35 -5.84
CA ASN C 94 -1.10 2.55 -5.04
C ASN C 94 -0.11 3.62 -5.46
N HIS C 95 1.12 3.22 -5.75
CA HIS C 95 2.10 4.14 -6.30
C HIS C 95 2.11 4.28 -7.79
N GLU C 96 1.57 3.27 -8.47
CA GLU C 96 1.58 3.23 -9.91
C GLU C 96 0.82 4.45 -10.41
N LEU C 97 -0.30 4.74 -9.77
CA LEU C 97 -1.04 5.93 -10.15
C LEU C 97 -0.60 7.13 -9.33
N GLY C 98 0.29 6.91 -8.36
CA GLY C 98 0.58 7.94 -7.40
C GLY C 98 0.98 9.18 -8.16
N ARG C 99 0.40 10.29 -7.73
CA ARG C 99 0.60 11.62 -8.31
C ARG C 99 2.03 12.15 -8.19
N ASP C 100 2.68 11.87 -7.07
CA ASP C 100 3.89 12.57 -6.68
C ASP C 100 5.05 12.45 -7.68
N PHE C 101 5.28 11.27 -8.23
CA PHE C 101 6.38 11.09 -9.18
C PHE C 101 6.01 10.82 -10.64
N ASN C 102 4.80 10.37 -10.90
CA ASN C 102 4.46 9.99 -12.25
C ASN C 102 4.68 11.27 -13.03
N GLU C 103 4.24 12.35 -12.43
CA GLU C 103 4.26 13.65 -13.06
C GLU C 103 5.65 14.18 -13.38
N GLY C 104 6.59 14.23 -12.46
CA GLY C 104 7.94 14.54 -12.95
C GLY C 104 8.47 13.70 -14.11
N GLN C 105 8.39 12.36 -13.98
CA GLN C 105 9.14 11.46 -14.86
C GLN C 105 8.29 10.77 -15.93
N SER C 106 8.78 10.84 -17.16
CA SER C 106 8.16 10.31 -18.37
C SER C 106 8.08 8.78 -18.45
N ALA C 107 8.80 8.08 -17.58
CA ALA C 107 8.79 6.62 -17.56
C ALA C 107 7.41 6.00 -17.25
N PRO C 108 7.07 4.86 -17.90
CA PRO C 108 5.73 4.34 -17.58
C PRO C 108 5.54 4.01 -16.10
N ALA C 109 4.37 4.33 -15.61
CA ALA C 109 4.04 4.22 -14.20
C ALA C 109 4.30 2.82 -13.67
N SER C 110 3.71 1.81 -14.30
CA SER C 110 3.94 0.40 -13.93
C SER C 110 5.36 0.07 -13.49
N HIS C 111 6.35 0.44 -14.27
CA HIS C 111 7.70 -0.01 -14.05
C HIS C 111 8.29 0.43 -12.75
N LEU C 112 9.07 -0.48 -12.18
CA LEU C 112 9.71 -0.30 -10.91
C LEU C 112 11.03 0.38 -11.10
N ILE C 113 11.79 -0.06 -12.12
CA ILE C 113 13.10 0.49 -12.38
C ILE C 113 13.14 1.62 -13.43
N ARG C 114 13.51 2.79 -12.93
CA ARG C 114 13.55 3.96 -13.70
C ARG C 114 14.98 4.30 -13.83
N VAL C 115 15.41 4.56 -15.05
CA VAL C 115 16.75 5.06 -15.30
C VAL C 115 16.63 6.56 -15.21
N GLU C 116 17.47 7.20 -14.42
CA GLU C 116 17.34 8.64 -14.20
C GLU C 116 18.41 9.42 -14.95
N GLY C 117 18.05 10.43 -15.67
CA GLY C 117 19.04 11.19 -16.47
C GLY C 117 19.47 10.73 -17.85
N ASN C 118 18.69 9.92 -18.54
CA ASN C 118 19.00 9.52 -19.88
C ASN C 118 17.73 9.58 -20.68
N ASN C 119 17.81 10.06 -21.91
CA ASN C 119 16.60 10.18 -22.75
C ASN C 119 16.55 9.15 -23.88
N LEU C 120 17.53 8.27 -23.89
CA LEU C 120 17.57 7.19 -24.86
C LEU C 120 17.14 5.92 -24.15
N SER C 121 17.04 6.03 -22.84
CA SER C 121 16.50 5.00 -22.01
C SER C 121 15.21 4.54 -22.61
N GLN C 122 15.15 3.24 -22.85
CA GLN C 122 14.01 2.61 -23.48
C GLN C 122 13.31 1.78 -22.44
N TYR C 123 12.02 2.01 -22.28
CA TYR C 123 11.24 1.27 -21.25
C TYR C 123 10.50 0.14 -21.91
N VAL C 124 10.57 -1.06 -21.34
CA VAL C 124 10.09 -2.25 -22.05
C VAL C 124 9.04 -3.08 -21.33
N ASP C 125 8.07 -3.59 -22.07
CA ASP C 125 7.24 -4.67 -21.57
C ASP C 125 7.29 -5.76 -22.61
N ASP C 126 7.61 -6.97 -22.17
CA ASP C 126 7.74 -8.05 -23.12
C ASP C 126 6.35 -8.65 -23.26
N PRO C 127 5.74 -8.40 -24.41
CA PRO C 127 4.40 -8.93 -24.61
C PRO C 127 4.32 -10.43 -24.25
N VAL C 128 5.36 -11.15 -24.65
CA VAL C 128 5.44 -12.59 -24.42
C VAL C 128 5.51 -12.94 -22.94
N THR C 129 6.25 -12.14 -22.18
CA THR C 129 6.53 -12.45 -20.79
C THR C 129 5.92 -11.41 -19.86
N GLY C 130 5.41 -10.32 -20.44
CA GLY C 130 4.83 -9.28 -19.63
C GLY C 130 5.89 -8.92 -18.61
N ARG C 131 7.13 -8.74 -19.05
CA ARG C 131 8.21 -8.40 -18.16
C ARG C 131 8.63 -6.91 -18.20
N GLN C 132 8.69 -6.32 -17.02
CA GLN C 132 9.19 -4.97 -16.88
C GLN C 132 10.70 -4.96 -17.04
N SER C 133 11.22 -3.90 -17.65
CA SER C 133 12.67 -3.69 -17.79
C SER C 133 12.93 -2.32 -18.39
N VAL C 134 14.18 -1.86 -18.34
CA VAL C 134 14.54 -0.59 -18.94
C VAL C 134 15.95 -0.66 -19.50
N VAL C 135 16.04 -0.46 -20.81
CA VAL C 135 17.29 -0.59 -21.52
C VAL C 135 17.85 0.76 -21.89
N VAL C 136 19.17 0.88 -21.84
CA VAL C 136 19.84 2.12 -22.18
C VAL C 136 21.03 1.75 -23.05
N PRO C 137 21.46 2.64 -23.96
CA PRO C 137 22.58 2.23 -24.77
C PRO C 137 23.89 2.56 -24.06
N TYR C 138 24.80 1.58 -24.04
CA TYR C 138 26.11 1.75 -23.42
C TYR C 138 26.76 3.05 -23.88
N GLU C 139 27.35 3.81 -22.96
CA GLU C 139 28.12 5.02 -23.29
C GLU C 139 29.58 4.89 -22.81
N PRO C 140 30.53 5.33 -23.65
CA PRO C 140 31.95 5.13 -23.33
C PRO C 140 32.29 5.77 -22.00
N PRO C 141 33.02 5.06 -21.16
CA PRO C 141 33.30 5.58 -19.82
C PRO C 141 33.96 6.92 -20.01
N GLN C 142 33.64 7.87 -19.14
CA GLN C 142 34.02 9.26 -19.35
C GLN C 142 35.52 9.33 -19.48
N VAL C 143 36.00 10.19 -20.36
CA VAL C 143 37.41 10.20 -20.67
C VAL C 143 38.16 10.45 -19.38
N GLY C 144 39.19 9.65 -19.15
CA GLY C 144 39.92 9.72 -17.91
C GLY C 144 39.12 9.05 -16.81
N THR C 145 38.02 8.41 -17.19
CA THR C 145 37.15 7.72 -16.24
C THR C 145 36.98 6.26 -16.58
N GLU C 146 37.19 5.41 -15.58
CA GLU C 146 37.05 3.97 -15.73
C GLU C 146 35.62 3.53 -16.06
N PHE C 147 34.65 4.15 -15.42
CA PHE C 147 33.32 3.57 -15.35
C PHE C 147 32.17 4.43 -15.87
N THR C 148 31.33 3.79 -16.66
CA THR C 148 30.09 4.37 -17.11
C THR C 148 29.10 4.11 -16.00
N THR C 149 28.73 5.21 -15.35
CA THR C 149 27.84 5.28 -14.21
C THR C 149 26.39 5.50 -14.67
N ILE C 150 25.47 4.87 -13.96
CA ILE C 150 24.08 4.95 -14.33
C ILE C 150 23.22 5.24 -13.11
N LEU C 151 22.08 5.86 -13.36
CA LEU C 151 21.18 6.23 -12.30
C LEU C 151 19.91 5.43 -12.36
N TYR C 152 19.59 4.78 -11.25
CA TYR C 152 18.42 3.97 -11.19
C TYR C 152 17.51 4.44 -10.09
N ASN C 153 16.24 4.54 -10.41
CA ASN C 153 15.22 4.93 -9.47
C ASN C 153 14.22 3.81 -9.26
N PHE C 154 13.94 3.50 -8.00
CA PHE C 154 12.93 2.49 -7.71
C PHE C 154 11.71 3.21 -7.15
N MET C 155 10.57 3.02 -7.80
CA MET C 155 9.34 3.68 -7.38
C MET C 155 8.40 2.82 -6.54
N CYS C 156 8.95 1.85 -5.80
CA CYS C 156 8.17 1.00 -4.91
C CYS C 156 9.05 0.48 -3.78
N ASN C 157 8.54 0.57 -2.56
CA ASN C 157 9.26 0.01 -1.45
C ASN C 157 9.23 -1.49 -1.55
N SER C 158 10.15 -2.18 -0.90
CA SER C 158 10.21 -3.65 -0.94
C SER C 158 9.04 -4.22 -0.16
N SER C 159 8.43 -3.38 0.66
CA SER C 159 7.27 -3.75 1.43
C SER C 159 6.01 -3.12 0.84
N CYS C 160 6.10 -2.67 -0.41
CA CYS C 160 4.94 -2.04 -1.06
C CYS C 160 3.87 -3.01 -1.40
N VAL C 161 2.74 -2.84 -0.73
CA VAL C 161 1.70 -3.84 -0.77
C VAL C 161 0.91 -3.62 -2.05
N GLY C 162 0.71 -4.67 -2.85
CA GLY C 162 0.11 -4.56 -4.16
C GLY C 162 1.20 -4.37 -5.22
N GLY C 163 2.42 -4.17 -4.73
CA GLY C 163 3.62 -4.30 -5.51
C GLY C 163 4.23 -5.59 -5.03
N MET C 164 5.56 -5.63 -4.94
CA MET C 164 6.24 -6.80 -4.42
C MET C 164 6.16 -6.73 -2.90
N ASN C 165 4.97 -6.88 -2.33
CA ASN C 165 4.92 -6.74 -0.91
C ASN C 165 5.90 -7.74 -0.35
N ARG C 166 6.79 -7.32 0.53
CA ARG C 166 7.37 -8.25 1.45
C ARG C 166 8.15 -9.31 0.71
N ARG C 167 8.38 -9.13 -0.58
CA ARG C 167 9.08 -10.17 -1.31
C ARG C 167 10.36 -9.66 -1.90
N PRO C 168 11.48 -10.27 -1.56
CA PRO C 168 12.76 -9.79 -1.99
C PRO C 168 12.84 -9.98 -3.49
N ILE C 169 13.71 -9.18 -4.09
CA ILE C 169 13.88 -9.13 -5.52
C ILE C 169 15.33 -9.20 -5.94
N LEU C 170 15.52 -9.33 -7.24
CA LEU C 170 16.86 -9.37 -7.80
C LEU C 170 16.92 -8.39 -8.94
N ILE C 171 18.01 -7.65 -9.03
CA ILE C 171 18.17 -6.75 -10.15
C ILE C 171 19.06 -7.52 -11.12
N ILE C 172 18.62 -7.63 -12.35
CA ILE C 172 19.38 -8.32 -13.37
C ILE C 172 19.79 -7.27 -14.40
N ILE C 173 21.05 -6.86 -14.30
CA ILE C 173 21.62 -5.97 -15.28
C ILE C 173 22.32 -6.80 -16.35
N THR C 174 21.89 -6.68 -17.60
CA THR C 174 22.56 -7.41 -18.67
C THR C 174 23.20 -6.53 -19.77
N LEU C 175 24.35 -6.98 -20.24
CA LEU C 175 24.99 -6.33 -21.37
C LEU C 175 24.54 -7.06 -22.59
N GLU C 176 23.76 -6.37 -23.43
CA GLU C 176 23.15 -6.98 -24.59
C GLU C 176 23.39 -6.29 -25.91
N MET C 177 23.47 -7.07 -26.96
CA MET C 177 23.61 -6.53 -28.30
C MET C 177 22.27 -5.97 -28.62
N ARG C 178 22.21 -5.23 -29.71
CA ARG C 178 20.95 -4.71 -30.17
C ARG C 178 20.10 -5.92 -30.45
N ASP C 179 20.73 -6.95 -30.99
CA ASP C 179 20.02 -8.17 -31.31
C ASP C 179 19.43 -8.70 -30.04
N GLY C 180 20.18 -8.61 -28.95
CA GLY C 180 19.63 -9.12 -27.72
C GLY C 180 20.52 -10.20 -27.18
N GLN C 181 21.57 -10.59 -27.89
CA GLN C 181 22.42 -11.64 -27.37
C GLN C 181 22.98 -11.12 -26.06
N VAL C 182 23.01 -11.98 -25.05
CA VAL C 182 23.50 -11.62 -23.76
C VAL C 182 25.03 -11.62 -23.76
N LEU C 183 25.58 -10.44 -23.51
CA LEU C 183 27.00 -10.25 -23.51
C LEU C 183 27.55 -10.33 -22.10
N GLY C 184 26.69 -10.45 -21.11
CA GLY C 184 27.19 -10.45 -19.75
C GLY C 184 26.07 -10.05 -18.83
N ARG C 185 25.94 -10.75 -17.72
CA ARG C 185 24.96 -10.39 -16.72
C ARG C 185 25.50 -10.53 -15.30
N ARG C 186 25.04 -9.64 -14.42
CA ARG C 186 25.31 -9.72 -13.01
C ARG C 186 24.00 -9.44 -12.30
N SER C 187 23.78 -10.06 -11.16
CA SER C 187 22.57 -9.77 -10.40
C SER C 187 22.85 -9.70 -8.90
N PHE C 188 21.97 -8.99 -8.21
CA PHE C 188 22.09 -8.83 -6.78
C PHE C 188 20.73 -8.59 -6.15
N GLU C 189 20.61 -8.86 -4.87
CA GLU C 189 19.39 -8.58 -4.14
C GLU C 189 19.20 -7.08 -4.00
N GLY C 190 17.96 -6.63 -4.08
CA GLY C 190 17.60 -5.25 -3.83
C GLY C 190 16.74 -5.17 -2.59
N ARG C 191 16.76 -3.99 -1.98
CA ARG C 191 15.97 -3.72 -0.78
C ARG C 191 15.58 -2.25 -0.76
N ILE C 192 14.45 -1.90 -1.38
CA ILE C 192 13.99 -0.55 -1.28
C ILE C 192 13.27 -0.46 0.05
N CYS C 193 13.77 0.34 0.97
CA CYS C 193 13.17 0.41 2.30
C CYS C 193 13.07 1.86 2.71
N ALA C 194 12.93 2.11 4.00
CA ALA C 194 12.90 3.46 4.49
C ALA C 194 14.27 3.74 5.06
N CYS C 195 14.79 2.74 5.76
CA CYS C 195 16.07 2.88 6.45
C CYS C 195 17.10 1.88 5.93
N PRO C 196 17.56 2.09 4.71
CA PRO C 196 18.55 1.16 4.14
C PRO C 196 19.73 0.92 5.08
N GLY C 197 20.03 1.92 5.91
CA GLY C 197 21.09 1.78 6.89
C GLY C 197 20.73 0.69 7.86
N ARG C 198 19.68 0.93 8.63
CA ARG C 198 19.37 0.02 9.73
C ARG C 198 19.18 -1.42 9.27
N ASP C 199 18.47 -1.52 8.15
CA ASP C 199 18.15 -2.77 7.54
C ASP C 199 19.40 -3.49 7.11
N ARG C 200 20.37 -2.76 6.59
CA ARG C 200 21.63 -3.37 6.20
C ARG C 200 22.39 -3.93 7.40
N LYS C 201 22.45 -3.14 8.47
CA LYS C 201 23.19 -3.57 9.65
C LYS C 201 22.52 -4.73 10.35
N ALA C 202 21.20 -4.64 10.52
CA ALA C 202 20.47 -5.70 11.17
C ALA C 202 20.58 -6.92 10.29
N ASP C 203 20.45 -6.68 8.99
CA ASP C 203 20.57 -7.72 8.00
C ASP C 203 21.97 -8.26 8.05
N GLU C 204 22.94 -7.37 8.17
CA GLU C 204 24.30 -7.92 8.17
C GLU C 204 24.58 -8.71 9.43
N ASP C 205 24.23 -8.13 10.57
CA ASP C 205 24.43 -8.81 11.83
C ASP C 205 23.55 -10.05 11.84
N HIS C 206 22.34 -9.87 11.33
CA HIS C 206 21.35 -10.94 11.34
C HIS C 206 21.83 -12.07 10.52
N TYR C 207 22.41 -11.79 9.35
CA TYR C 207 22.89 -12.95 8.64
C TYR C 207 24.29 -13.44 9.03
N ARG C 208 25.21 -12.49 9.16
CA ARG C 208 26.62 -12.82 9.42
C ARG C 208 26.78 -13.46 10.78
N GLU C 209 26.09 -12.91 11.77
CA GLU C 209 26.23 -13.50 13.10
C GLU C 209 25.65 -14.92 13.15
N GLN C 210 25.08 -15.38 12.04
CA GLN C 210 24.45 -16.69 11.97
C GLN C 210 25.37 -17.71 11.31
N GLU D 11 -21.32 21.49 5.83
CA GLU D 11 -21.73 20.11 5.40
C GLU D 11 -20.50 19.34 4.92
N PHE D 12 -19.48 20.09 4.51
CA PHE D 12 -18.24 19.46 4.11
C PHE D 12 -17.58 18.76 5.30
N ILE D 13 -17.61 19.40 6.45
CA ILE D 13 -17.11 18.72 7.62
C ILE D 13 -18.32 18.27 8.41
N PRO D 14 -18.56 16.97 8.45
CA PRO D 14 -19.70 16.48 9.19
C PRO D 14 -19.38 16.61 10.65
N SER D 15 -20.41 16.76 11.44
CA SER D 15 -20.27 17.07 12.83
C SER D 15 -20.15 15.78 13.65
N ASN D 16 -19.03 15.62 14.33
CA ASN D 16 -18.76 14.45 15.14
C ASN D 16 -19.77 14.36 16.26
N THR D 17 -20.30 15.50 16.65
CA THR D 17 -20.98 15.60 17.93
C THR D 17 -22.21 14.71 18.00
N ASP D 18 -22.31 13.97 19.09
CA ASP D 18 -23.44 13.08 19.32
C ASP D 18 -24.68 13.91 19.57
N TYR D 19 -25.82 13.47 19.05
CA TYR D 19 -27.09 14.11 19.35
C TYR D 19 -28.25 13.10 19.25
N PRO D 20 -28.31 12.11 20.13
CA PRO D 20 -29.49 11.21 20.05
C PRO D 20 -30.74 12.10 20.01
N GLY D 21 -31.73 11.84 19.13
CA GLY D 21 -32.88 12.75 19.04
C GLY D 21 -34.19 12.33 19.67
N PRO D 22 -35.31 12.54 18.96
CA PRO D 22 -36.61 12.17 19.55
C PRO D 22 -36.56 10.75 20.08
N HIS D 23 -36.18 9.84 19.20
CA HIS D 23 -35.93 8.45 19.51
C HIS D 23 -34.58 8.33 20.16
N HIS D 24 -34.45 7.28 20.95
CA HIS D 24 -33.21 6.99 21.63
C HIS D 24 -32.39 6.24 20.66
N PHE D 25 -31.27 6.85 20.31
CA PHE D 25 -30.35 6.30 19.35
C PHE D 25 -29.33 5.49 20.13
N GLU D 26 -29.47 4.19 20.04
CA GLU D 26 -28.58 3.28 20.72
C GLU D 26 -27.67 2.63 19.70
N VAL D 27 -26.43 3.07 19.72
CA VAL D 27 -25.35 2.44 18.98
C VAL D 27 -24.54 1.68 20.00
N THR D 28 -24.47 0.37 19.81
CA THR D 28 -23.79 -0.50 20.74
C THR D 28 -23.30 -1.71 20.00
N PHE D 29 -22.15 -2.19 20.46
CA PHE D 29 -21.53 -3.43 19.97
C PHE D 29 -21.81 -4.48 21.01
N GLN D 30 -22.58 -5.51 20.66
CA GLN D 30 -22.82 -6.58 21.61
C GLN D 30 -21.44 -7.13 21.87
N GLN D 31 -21.10 -7.39 23.12
CA GLN D 31 -19.72 -7.72 23.48
C GLN D 31 -19.20 -8.97 22.77
N SER D 32 -17.97 -8.90 22.29
CA SER D 32 -17.32 -10.03 21.62
C SER D 32 -17.06 -11.26 22.52
N SER D 33 -16.71 -12.38 21.91
CA SER D 33 -16.88 -13.67 22.55
C SER D 33 -16.28 -13.74 23.95
N THR D 34 -15.16 -13.06 24.17
CA THR D 34 -14.49 -13.01 25.48
C THR D 34 -13.59 -14.22 25.57
N ALA D 35 -13.69 -15.03 24.53
CA ALA D 35 -12.71 -16.03 24.18
C ALA D 35 -11.50 -15.32 23.58
N LYS D 36 -10.38 -16.01 23.53
CA LYS D 36 -9.08 -15.37 23.26
C LYS D 36 -9.01 -14.64 21.91
N PHE D 37 -9.59 -15.24 20.88
CA PHE D 37 -9.53 -14.73 19.52
C PHE D 37 -10.45 -13.53 19.51
N ALA D 38 -10.02 -12.46 18.89
CA ALA D 38 -10.82 -11.25 18.78
C ALA D 38 -10.62 -10.79 17.34
N THR D 39 -11.68 -11.00 16.57
CA THR D 39 -11.73 -10.48 15.22
C THR D 39 -11.85 -8.99 15.31
N TRP D 40 -12.68 -8.57 16.26
CA TRP D 40 -12.95 -7.19 16.51
C TRP D 40 -13.22 -7.02 17.96
N THR D 41 -12.94 -5.83 18.46
CA THR D 41 -13.30 -5.49 19.82
C THR D 41 -13.60 -4.02 19.85
N TYR D 42 -14.52 -3.63 20.71
CA TYR D 42 -14.75 -2.24 20.98
C TYR D 42 -14.55 -1.81 22.44
N SER D 43 -13.66 -0.82 22.64
CA SER D 43 -13.35 -0.27 23.96
C SER D 43 -14.48 0.62 24.35
N PRO D 44 -15.01 0.44 25.56
CA PRO D 44 -16.08 1.31 25.97
C PRO D 44 -15.47 2.50 26.67
N LEU D 45 -14.24 2.33 27.17
CA LEU D 45 -13.48 3.42 27.78
C LEU D 45 -13.10 4.53 26.80
N LEU D 46 -12.65 4.15 25.62
CA LEU D 46 -12.28 5.09 24.60
C LEU D 46 -13.30 5.23 23.51
N LYS D 47 -14.41 4.52 23.61
CA LYS D 47 -15.45 4.72 22.63
C LYS D 47 -14.73 4.52 21.32
N LYS D 48 -13.68 3.73 21.36
CA LYS D 48 -12.94 3.37 20.17
C LYS D 48 -13.28 1.94 19.77
N LEU D 49 -13.36 1.65 18.48
CA LEU D 49 -13.59 0.27 18.02
C LEU D 49 -12.38 -0.25 17.27
N TYR D 50 -11.86 -1.39 17.75
CA TYR D 50 -10.77 -2.07 17.10
C TYR D 50 -11.34 -3.22 16.31
N CYS D 51 -10.96 -3.28 15.03
CA CYS D 51 -11.48 -4.22 14.08
C CYS D 51 -10.41 -4.68 13.12
N GLN D 52 -10.40 -5.96 12.83
CA GLN D 52 -9.51 -6.55 11.84
C GLN D 52 -10.03 -6.16 10.48
N ILE D 53 -9.17 -6.14 9.46
CA ILE D 53 -9.61 -5.61 8.17
C ILE D 53 -10.58 -6.49 7.41
N ALA D 54 -11.73 -5.94 7.07
CA ALA D 54 -12.64 -6.54 6.12
C ALA D 54 -13.30 -7.72 6.74
N LYS D 55 -12.94 -7.99 7.96
CA LYS D 55 -13.58 -9.02 8.73
C LYS D 55 -14.85 -8.39 9.25
N THR D 56 -15.98 -9.03 9.00
CA THR D 56 -17.27 -8.44 9.34
C THR D 56 -17.35 -8.14 10.82
N CYS D 57 -17.89 -6.98 11.13
CA CYS D 57 -18.06 -6.55 12.51
C CYS D 57 -19.50 -6.10 12.66
N PRO D 58 -20.19 -6.63 13.69
CA PRO D 58 -21.59 -6.25 13.83
C PRO D 58 -21.86 -5.14 14.85
N ILE D 59 -22.63 -4.16 14.38
CA ILE D 59 -23.05 -3.03 15.18
C ILE D 59 -24.58 -3.03 15.21
N GLN D 60 -25.17 -3.08 16.40
CA GLN D 60 -26.62 -2.93 16.51
C GLN D 60 -27.09 -1.59 17.08
N ILE D 61 -28.36 -1.33 16.93
CA ILE D 61 -28.87 -0.06 17.34
C ILE D 61 -30.23 -0.22 17.97
N LYS D 62 -30.46 0.46 19.08
CA LYS D 62 -31.71 0.27 19.77
C LYS D 62 -32.49 1.56 19.79
N VAL D 63 -33.74 1.46 19.40
CA VAL D 63 -34.61 2.60 19.30
C VAL D 63 -35.67 2.47 20.38
N THR D 65 -38.12 4.65 20.46
CA THR D 65 -39.27 5.11 19.69
C THR D 65 -39.19 4.72 18.23
N PRO D 66 -40.15 3.98 17.71
CA PRO D 66 -40.10 3.69 16.28
C PRO D 66 -40.13 4.98 15.45
N PRO D 67 -39.43 5.01 14.32
CA PRO D 67 -39.22 6.26 13.58
C PRO D 67 -39.92 6.28 12.22
N PRO D 68 -40.39 7.44 11.78
CA PRO D 68 -41.21 7.48 10.55
C PRO D 68 -40.53 6.65 9.49
N PRO D 69 -41.32 5.83 8.81
CA PRO D 69 -40.77 4.77 7.97
C PRO D 69 -39.82 5.42 6.97
N GLY D 70 -39.11 4.62 6.19
CA GLY D 70 -38.13 5.21 5.28
C GLY D 70 -36.96 5.78 6.03
N THR D 71 -37.13 6.08 7.32
CA THR D 71 -35.97 6.49 8.11
C THR D 71 -34.93 5.43 7.78
N ALA D 72 -33.67 5.81 7.81
CA ALA D 72 -32.60 4.90 7.47
C ALA D 72 -31.41 5.34 8.24
N ILE D 73 -30.34 4.57 8.15
CA ILE D 73 -29.14 4.83 8.92
C ILE D 73 -27.91 4.88 8.03
N ARG D 74 -27.05 5.84 8.29
CA ARG D 74 -25.85 5.97 7.49
C ARG D 74 -24.58 5.99 8.34
N ALA D 75 -23.63 5.14 7.96
CA ALA D 75 -22.29 5.16 8.50
C ALA D 75 -21.48 5.99 7.56
N MET D 76 -20.45 6.62 8.09
CA MET D 76 -19.61 7.50 7.30
C MET D 76 -18.34 7.75 8.11
N PRO D 77 -17.19 7.49 7.50
CA PRO D 77 -15.92 7.70 8.15
C PRO D 77 -15.34 9.09 7.93
N VAL D 78 -14.66 9.60 8.95
CA VAL D 78 -14.08 10.92 8.93
C VAL D 78 -12.79 10.86 9.70
N TYR D 79 -11.78 11.63 9.32
CA TYR D 79 -10.57 11.63 10.12
C TYR D 79 -10.82 12.27 11.48
N LYS D 80 -10.25 11.70 12.55
CA LYS D 80 -10.32 12.30 13.87
C LYS D 80 -9.48 13.61 13.98
N LYS D 81 -8.38 13.68 13.23
CA LYS D 81 -7.45 14.81 13.29
C LYS D 81 -7.93 16.03 12.49
N ALA D 82 -8.21 17.12 13.21
CA ALA D 82 -8.78 18.33 12.62
C ALA D 82 -8.18 18.62 11.26
N GLU D 83 -6.86 18.75 11.23
CA GLU D 83 -6.14 18.90 9.99
C GLU D 83 -6.73 18.02 8.89
N HIS D 84 -7.00 16.77 9.22
CA HIS D 84 -7.45 15.87 8.19
C HIS D 84 -8.93 15.69 8.07
N VAL D 85 -9.73 16.34 8.91
CA VAL D 85 -11.14 16.21 8.69
C VAL D 85 -11.45 16.68 7.27
N THR D 86 -10.68 17.63 6.77
CA THR D 86 -10.92 18.18 5.45
C THR D 86 -10.77 17.14 4.35
N ASP D 87 -9.82 16.27 4.54
CA ASP D 87 -9.57 15.15 3.65
C ASP D 87 -10.70 14.14 3.70
N VAL D 88 -10.95 13.48 2.57
CA VAL D 88 -12.01 12.46 2.46
C VAL D 88 -11.50 11.04 2.62
N VAL D 89 -12.07 10.33 3.60
CA VAL D 89 -11.65 8.98 3.90
C VAL D 89 -12.05 8.14 2.73
N LYS D 90 -11.14 7.29 2.29
CA LYS D 90 -11.37 6.53 1.08
C LYS D 90 -10.49 5.31 1.11
N ARG D 91 -10.78 4.32 0.30
CA ARG D 91 -9.91 3.15 0.32
C ARG D 91 -8.57 3.54 -0.25
N CYS D 92 -7.48 3.03 0.33
CA CYS D 92 -6.15 3.26 -0.25
C CYS D 92 -6.17 2.56 -1.59
N PRO D 93 -5.71 3.27 -2.65
CA PRO D 93 -5.69 2.73 -4.00
C PRO D 93 -5.32 1.26 -4.01
N ASN D 94 -4.24 0.95 -3.36
CA ASN D 94 -3.71 -0.32 -3.56
C ASN D 94 -4.74 -1.37 -3.11
N HIS D 95 -5.72 -0.98 -2.28
CA HIS D 95 -6.83 -1.82 -1.95
C HIS D 95 -8.01 -1.61 -2.83
N GLU D 96 -8.22 -0.36 -3.23
CA GLU D 96 -9.37 -0.04 -4.07
C GLU D 96 -9.27 -0.87 -5.32
N LEU D 97 -8.07 -0.96 -5.86
CA LEU D 97 -7.82 -1.83 -7.00
C LEU D 97 -8.07 -3.28 -6.59
N GLY D 98 -7.70 -3.58 -5.36
CA GLY D 98 -7.43 -4.93 -4.91
C GLY D 98 -8.51 -5.91 -5.32
N ARG D 99 -8.02 -7.00 -5.90
CA ARG D 99 -8.82 -8.11 -6.39
C ARG D 99 -9.51 -8.88 -5.27
N ASP D 100 -8.86 -8.98 -4.12
CA ASP D 100 -9.23 -9.98 -3.15
C ASP D 100 -10.69 -9.86 -2.75
N PHE D 101 -11.19 -8.62 -2.65
CA PHE D 101 -12.57 -8.41 -2.20
C PHE D 101 -13.37 -7.53 -3.11
N ASN D 102 -12.67 -6.67 -3.85
CA ASN D 102 -13.33 -5.74 -4.69
C ASN D 102 -14.30 -6.67 -5.59
N GLU D 103 -13.77 -7.80 -6.08
CA GLU D 103 -14.55 -8.86 -6.75
C GLU D 103 -15.39 -9.48 -5.66
N GLY D 104 -16.34 -10.34 -5.95
CA GLY D 104 -17.15 -10.83 -4.85
C GLY D 104 -18.16 -9.81 -4.36
N GLN D 105 -17.75 -8.64 -3.88
CA GLN D 105 -18.81 -7.70 -3.46
C GLN D 105 -19.17 -6.61 -4.43
N SER D 106 -20.42 -6.20 -4.31
CA SER D 106 -21.00 -5.28 -5.26
C SER D 106 -20.78 -3.82 -4.89
N ALA D 107 -20.17 -3.53 -3.76
CA ALA D 107 -20.01 -2.12 -3.42
C ALA D 107 -18.80 -1.48 -4.06
N PRO D 108 -18.87 -0.16 -4.28
CA PRO D 108 -17.77 0.56 -4.91
C PRO D 108 -16.45 0.42 -4.15
N ALA D 109 -15.38 0.14 -4.88
CA ALA D 109 -14.08 -0.13 -4.29
C ALA D 109 -13.65 1.08 -3.44
N SER D 110 -13.94 2.27 -3.93
CA SER D 110 -13.57 3.50 -3.22
C SER D 110 -13.92 3.35 -1.76
N HIS D 111 -15.16 2.92 -1.51
CA HIS D 111 -15.70 2.84 -0.18
C HIS D 111 -14.94 2.08 0.86
N LEU D 112 -14.76 2.71 2.02
CA LEU D 112 -14.15 2.06 3.15
C LEU D 112 -15.21 1.23 3.84
N ILE D 113 -16.31 1.85 4.25
CA ILE D 113 -17.37 1.15 4.96
C ILE D 113 -18.30 0.46 3.98
N ARG D 114 -18.50 -0.83 4.24
CA ARG D 114 -19.38 -1.68 3.47
C ARG D 114 -20.39 -2.29 4.41
N VAL D 115 -21.64 -2.40 3.96
CA VAL D 115 -22.65 -3.07 4.75
C VAL D 115 -22.79 -4.45 4.16
N GLU D 116 -22.62 -5.46 5.01
CA GLU D 116 -22.67 -6.82 4.55
C GLU D 116 -24.07 -7.42 4.37
N GLY D 117 -24.92 -7.24 5.31
CA GLY D 117 -26.23 -7.90 5.20
C GLY D 117 -27.16 -7.53 4.06
N ASN D 118 -27.36 -6.26 3.78
CA ASN D 118 -28.34 -5.78 2.78
C ASN D 118 -27.91 -5.70 1.32
N ASN D 119 -28.92 -5.78 0.46
CA ASN D 119 -28.82 -5.47 -0.95
C ASN D 119 -29.56 -4.17 -1.17
N LEU D 120 -30.15 -3.67 -0.10
CA LEU D 120 -30.93 -2.41 -0.13
C LEU D 120 -30.06 -1.25 0.30
N SER D 121 -28.83 -1.60 0.68
CA SER D 121 -27.85 -0.61 1.07
C SER D 121 -27.56 0.26 -0.14
N GLN D 122 -27.30 1.53 0.09
CA GLN D 122 -26.86 2.41 -0.99
C GLN D 122 -25.53 3.01 -0.60
N TYR D 123 -24.56 2.93 -1.50
CA TYR D 123 -23.28 3.52 -1.28
C TYR D 123 -23.27 4.85 -1.95
N VAL D 124 -23.29 5.89 -1.13
CA VAL D 124 -23.38 7.25 -1.62
C VAL D 124 -22.10 8.06 -1.68
N ASP D 125 -21.69 8.48 -2.88
CA ASP D 125 -20.55 9.36 -3.01
C ASP D 125 -21.08 10.76 -3.31
N ASP D 126 -21.07 11.64 -2.31
CA ASP D 126 -21.59 12.98 -2.45
C ASP D 126 -20.85 13.75 -3.53
N PRO D 127 -21.59 14.48 -4.37
CA PRO D 127 -20.98 15.22 -5.47
C PRO D 127 -20.33 16.54 -5.01
N VAL D 128 -21.03 17.27 -4.14
CA VAL D 128 -20.58 18.53 -3.48
C VAL D 128 -19.53 18.47 -2.33
N THR D 129 -19.75 17.61 -1.33
CA THR D 129 -18.74 17.29 -0.34
C THR D 129 -17.71 16.35 -0.97
N GLY D 130 -18.17 15.32 -1.66
CA GLY D 130 -17.25 14.29 -2.19
C GLY D 130 -17.00 13.13 -1.24
N ARG D 131 -17.73 13.12 -0.13
CA ARG D 131 -17.59 12.14 0.94
C ARG D 131 -18.26 10.83 0.69
N GLN D 132 -17.67 9.76 1.19
CA GLN D 132 -18.21 8.39 1.03
C GLN D 132 -18.87 7.82 2.26
N SER D 133 -20.07 7.24 2.08
CA SER D 133 -20.83 6.68 3.17
C SER D 133 -21.78 5.66 2.60
N VAL D 134 -22.27 4.74 3.44
CA VAL D 134 -23.29 3.78 3.04
C VAL D 134 -24.58 3.94 3.83
N VAL D 135 -25.68 4.11 3.10
CA VAL D 135 -26.98 4.28 3.70
C VAL D 135 -27.88 3.07 3.50
N VAL D 136 -28.43 2.61 4.61
CA VAL D 136 -29.36 1.49 4.67
C VAL D 136 -30.66 1.96 5.34
N PRO D 137 -31.79 1.30 4.99
CA PRO D 137 -33.07 1.67 5.59
C PRO D 137 -33.31 0.90 6.86
N TYR D 138 -33.86 1.57 7.86
CA TYR D 138 -34.02 0.99 9.16
C TYR D 138 -34.94 -0.23 9.08
N GLU D 139 -34.58 -1.30 9.76
CA GLU D 139 -35.45 -2.46 9.79
C GLU D 139 -35.88 -2.70 11.23
N PRO D 140 -37.14 -3.04 11.43
CA PRO D 140 -37.63 -3.26 12.78
C PRO D 140 -36.90 -4.43 13.37
N PRO D 141 -36.49 -4.31 14.71
CA PRO D 141 -35.72 -5.47 15.18
C PRO D 141 -36.57 -6.72 15.06
N GLN D 142 -35.95 -7.82 14.67
CA GLN D 142 -36.69 -9.03 14.42
C GLN D 142 -37.32 -9.47 15.72
N VAL D 143 -38.46 -10.15 15.62
CA VAL D 143 -39.27 -10.41 16.80
C VAL D 143 -38.42 -11.17 17.82
N GLY D 144 -38.50 -10.73 19.07
CA GLY D 144 -37.70 -11.29 20.13
C GLY D 144 -36.32 -10.67 20.13
N THR D 145 -36.11 -9.73 19.23
CA THR D 145 -34.83 -9.04 19.17
C THR D 145 -35.05 -7.63 19.67
N GLU D 146 -34.30 -7.24 20.68
CA GLU D 146 -34.44 -5.90 21.22
C GLU D 146 -34.06 -4.86 20.18
N PHE D 147 -32.97 -5.10 19.45
CA PHE D 147 -32.50 -4.13 18.48
C PHE D 147 -31.93 -4.70 17.18
N THR D 148 -31.89 -3.81 16.21
CA THR D 148 -31.51 -4.04 14.88
C THR D 148 -30.00 -4.11 14.80
N THR D 149 -29.46 -4.96 13.95
CA THR D 149 -28.00 -5.22 13.97
C THR D 149 -27.36 -5.18 12.56
N ILE D 150 -26.42 -4.26 12.36
CA ILE D 150 -25.93 -4.04 11.03
C ILE D 150 -24.51 -4.48 10.91
N LEU D 151 -24.24 -5.31 9.93
CA LEU D 151 -22.89 -5.79 9.66
C LEU D 151 -22.09 -4.65 9.12
N TYR D 152 -20.79 -4.64 9.36
CA TYR D 152 -20.01 -3.59 8.77
C TYR D 152 -18.67 -4.10 8.30
N ASN D 153 -18.19 -3.55 7.19
CA ASN D 153 -16.93 -4.00 6.64
C ASN D 153 -16.01 -2.86 6.30
N PHE D 154 -14.81 -2.90 6.84
CA PHE D 154 -13.85 -1.86 6.57
C PHE D 154 -12.79 -2.48 5.69
N MET D 155 -12.70 -1.97 4.47
CA MET D 155 -11.76 -2.49 3.49
C MET D 155 -10.40 -1.76 3.44
N CYS D 156 -9.88 -1.37 4.59
CA CYS D 156 -8.59 -0.68 4.62
C CYS D 156 -8.07 -0.55 6.03
N ASN D 157 -6.86 -1.02 6.28
CA ASN D 157 -6.26 -0.91 7.61
C ASN D 157 -6.08 0.53 8.04
N SER D 158 -6.29 0.79 9.33
CA SER D 158 -6.17 2.13 9.84
C SER D 158 -4.79 2.65 9.55
N SER D 159 -3.89 1.76 9.13
CA SER D 159 -2.54 2.17 8.79
C SER D 159 -2.28 1.90 7.33
N CYS D 160 -3.19 2.36 6.48
CA CYS D 160 -3.14 2.01 5.07
C CYS D 160 -2.64 3.12 4.18
N VAL D 161 -1.49 2.87 3.59
CA VAL D 161 -0.84 3.87 2.80
C VAL D 161 -1.71 4.20 1.60
N GLY D 162 -1.84 5.50 1.36
CA GLY D 162 -2.57 5.98 0.20
C GLY D 162 -4.03 6.11 0.55
N GLY D 163 -4.37 5.65 1.75
CA GLY D 163 -5.71 5.83 2.26
C GLY D 163 -5.58 6.81 3.42
N MET D 164 -6.16 6.39 4.54
CA MET D 164 -5.86 6.96 5.85
C MET D 164 -4.68 6.16 6.37
N ASN D 165 -3.50 6.40 5.83
CA ASN D 165 -2.38 5.55 6.17
C ASN D 165 -1.98 5.59 7.65
N ARG D 166 -1.96 6.76 8.27
CA ARG D 166 -1.55 6.82 9.68
C ARG D 166 -2.59 7.37 10.67
N ARG D 167 -3.67 7.90 10.12
CA ARG D 167 -4.58 8.81 10.81
C ARG D 167 -5.92 8.25 11.30
N PRO D 168 -6.13 8.30 12.60
CA PRO D 168 -7.35 7.83 13.21
C PRO D 168 -8.60 8.42 12.52
N ILE D 169 -9.71 7.70 12.68
CA ILE D 169 -10.98 8.11 12.11
C ILE D 169 -12.11 7.89 13.10
N LEU D 170 -13.26 8.51 12.83
CA LEU D 170 -14.44 8.31 13.62
C LEU D 170 -15.52 7.84 12.71
N ILE D 171 -16.29 6.88 13.14
CA ILE D 171 -17.38 6.46 12.32
C ILE D 171 -18.57 7.28 12.70
N ILE D 172 -19.17 7.93 11.73
CA ILE D 172 -20.30 8.80 11.98
C ILE D 172 -21.56 8.04 11.61
N ILE D 173 -22.32 7.60 12.59
CA ILE D 173 -23.56 6.89 12.27
C ILE D 173 -24.71 7.81 12.57
N THR D 174 -25.66 7.85 11.65
CA THR D 174 -26.80 8.73 11.82
C THR D 174 -28.02 8.11 11.20
N LEU D 175 -29.13 8.28 11.88
CA LEU D 175 -30.38 7.82 11.36
C LEU D 175 -31.08 9.09 11.01
N GLU D 176 -31.52 9.18 9.76
CA GLU D 176 -32.15 10.37 9.23
C GLU D 176 -33.26 9.96 8.29
N MET D 177 -34.22 10.86 8.09
CA MET D 177 -35.37 10.60 7.24
C MET D 177 -35.02 10.53 5.76
N ARG D 178 -36.00 10.11 4.97
CA ARG D 178 -35.86 10.02 3.52
C ARG D 178 -35.55 11.42 3.04
N ASP D 179 -36.13 12.39 3.72
CA ASP D 179 -35.81 13.78 3.51
C ASP D 179 -34.32 13.90 3.78
N GLY D 180 -33.81 13.04 4.66
CA GLY D 180 -32.39 13.03 4.95
C GLY D 180 -32.07 13.96 6.10
N GLN D 181 -33.11 14.50 6.73
CA GLN D 181 -32.86 15.31 7.93
C GLN D 181 -32.28 14.43 9.07
N VAL D 182 -31.45 15.02 9.94
CA VAL D 182 -30.81 14.28 11.05
C VAL D 182 -31.71 14.02 12.25
N LEU D 183 -32.01 12.75 12.44
CA LEU D 183 -32.77 12.28 13.59
C LEU D 183 -31.90 11.79 14.76
N GLY D 184 -30.86 11.02 14.46
CA GLY D 184 -29.99 10.49 15.47
C GLY D 184 -28.56 10.62 15.05
N ARG D 185 -27.59 10.46 15.94
CA ARG D 185 -26.20 10.42 15.56
C ARG D 185 -25.31 10.11 16.74
N ARG D 186 -24.40 9.17 16.51
CA ARG D 186 -23.31 8.90 17.43
C ARG D 186 -22.10 8.55 16.63
N SER D 187 -20.94 8.98 17.11
CA SER D 187 -19.68 8.65 16.49
C SER D 187 -18.70 8.11 17.51
N PHE D 188 -17.78 7.29 17.02
CA PHE D 188 -16.71 6.73 17.80
C PHE D 188 -15.50 6.53 16.92
N GLU D 189 -14.32 6.52 17.53
CA GLU D 189 -13.07 6.26 16.81
C GLU D 189 -12.99 4.80 16.36
N GLY D 190 -12.34 4.57 15.22
CA GLY D 190 -12.15 3.23 14.68
C GLY D 190 -10.67 3.02 14.38
N ARG D 191 -10.25 1.76 14.33
CA ARG D 191 -8.86 1.44 14.07
C ARG D 191 -8.81 0.12 13.36
N ILE D 192 -8.79 0.11 12.04
CA ILE D 192 -8.65 -1.16 11.38
C ILE D 192 -7.20 -1.62 11.45
N CYS D 193 -6.91 -2.60 12.29
CA CYS D 193 -5.54 -3.11 12.48
C CYS D 193 -5.41 -4.58 12.15
N ALA D 194 -4.30 -5.17 12.56
CA ALA D 194 -4.09 -6.58 12.34
C ALA D 194 -4.27 -7.36 13.61
N CYS D 195 -4.28 -6.65 14.74
CA CYS D 195 -4.35 -7.27 16.05
C CYS D 195 -5.17 -6.46 17.01
N PRO D 196 -6.48 -6.31 16.72
CA PRO D 196 -7.38 -5.48 17.51
C PRO D 196 -7.23 -5.68 19.02
N GLY D 197 -6.71 -6.81 19.43
CA GLY D 197 -6.57 -7.07 20.85
C GLY D 197 -5.41 -6.32 21.45
N ARG D 198 -4.20 -6.58 20.95
CA ARG D 198 -3.02 -6.05 21.61
C ARG D 198 -3.15 -4.53 21.63
N ASP D 199 -3.69 -3.99 20.55
CA ASP D 199 -3.88 -2.53 20.39
C ASP D 199 -4.67 -1.93 21.54
N ARG D 200 -5.87 -2.45 21.79
CA ARG D 200 -6.69 -1.87 22.84
C ARG D 200 -5.99 -2.01 24.17
N LYS D 201 -5.38 -3.16 24.42
CA LYS D 201 -4.65 -3.31 25.69
C LYS D 201 -3.47 -2.33 25.81
N ALA D 202 -2.71 -2.18 24.74
CA ALA D 202 -1.67 -1.16 24.65
C ALA D 202 -2.20 0.29 24.85
N ASP D 203 -3.27 0.58 24.13
CA ASP D 203 -3.90 1.88 24.22
C ASP D 203 -4.57 2.11 25.56
N GLU D 204 -5.43 1.19 26.03
CA GLU D 204 -6.05 1.33 27.36
C GLU D 204 -5.04 1.29 28.48
N ASP D 205 -3.99 0.51 28.24
CA ASP D 205 -2.98 0.34 29.26
C ASP D 205 -2.34 1.70 29.31
N HIS D 206 -1.91 2.15 28.15
CA HIS D 206 -1.19 3.40 28.00
C HIS D 206 -1.89 4.50 28.70
N TYR D 207 -3.19 4.64 28.45
CA TYR D 207 -3.95 5.74 28.99
C TYR D 207 -3.96 5.74 30.50
N ARG D 208 -4.02 4.54 31.10
CA ARG D 208 -4.14 4.44 32.54
C ARG D 208 -2.92 5.08 33.18
N GLU D 209 -1.76 4.83 32.58
CA GLU D 209 -0.52 5.47 33.01
C GLU D 209 -0.11 6.59 32.06
ZN ZN E . 4.71 0.95 -4.12
ZN ZN F . -6.07 -0.54 2.09
#